data_9PQ7
#
_entry.id   9PQ7
#
_cell.length_a   99.433
_cell.length_b   136.936
_cell.length_c   38.653
_cell.angle_alpha   90.00
_cell.angle_beta   90.00
_cell.angle_gamma   90.00
#
_symmetry.space_group_name_H-M   'P 21 21 2'
#
loop_
_entity.id
_entity.type
_entity.pdbx_description
1 polymer 'Maltose/maltodextrin-binding periplasmic protein,Induced myeloid leukemia cell differentiation protein Mcl-1'
2 branched alpha-D-glucopyranose-(1-4)-alpha-D-glucopyranose
3 non-polymer '17-chloranyl-33-fluoranyl-12-[2-(2-methoxyethoxy)ethyl]-5,14,22-trimethyl-28-oxa-9-thia-5,6,12,13,24-pentazaheptacyclo[27.7.1.1^{4,7}.0^{11,15}.0^{16,21}.0^{20,24}.0^{30,35}]octatriaconta-1(36),4(38),6,11(15),13,16,18,20,22,29(37),30(35),31,33-tridecaene-23-carboxylic acid'
4 non-polymer 1,2-ETHANEDIOL
5 non-polymer 'FORMIC ACID'
6 water water
#
_entity_poly.entity_id   1
_entity_poly.type   'polypeptide(L)'
_entity_poly.pdbx_seq_one_letter_code
;GKIEEGKLVIWINGDKGYNGLAEVGKKFEKDTGIKVTVEHPDKLEEKFPQVAATGDGPDIIFWAHDRFGGYAQSGLLAEI
TPDKAFQDKLYPFTWDAVRYNGKLIAYPIAVEALSLIYNKDLLPNPPKTWEEIPALDKELKAKGKSALMFNLQEPYFTWP
LIAADGGYAFKYENGKYDIKDVGVDNAGAKAGLTFLVDLIKNKHMNADTDYSIAEAAFNKGETAMTINGPWAWSNIDTSK
VNYGVTVLPTFKGQPSKPFVGVLSAGINAASPNKELAKEFLENYLLTDEGLEAVNKDKPLGAVALKSYEEELAKDPRIAA
TMENAQKGEIMPNIPQMSAFWYAVRTAVINAASGRQTVDEALKDAQTGSELYRQSLEIISRYLREQATGAADTAPMGASG
ATSRKALETLRRVGDGVQRNHETAFQGMLRKLDIKNEDDVKSLSRVMIHVFSDGVTNWGRIVTLISFGAFVAKHLKTINQ
ESCIEPLAESITDVLVRTKRDWLVKQRGWDGFVEFFHV
;
_entity_poly.pdbx_strand_id   A
#
# COMPACT_ATOMS: atom_id res chain seq x y z
N GLY A 1 14.29 -21.63 -6.46
CA GLY A 1 13.34 -21.44 -5.32
C GLY A 1 13.82 -21.79 -3.92
N LYS A 2 15.08 -21.47 -3.62
CA LYS A 2 15.69 -21.74 -2.30
C LYS A 2 16.71 -20.64 -1.94
N ILE A 3 16.48 -19.96 -0.82
CA ILE A 3 17.37 -18.88 -0.35
C ILE A 3 18.66 -19.54 0.17
N GLU A 4 19.79 -19.01 -0.27
CA GLU A 4 21.11 -19.57 0.03
C GLU A 4 21.50 -19.27 1.51
N GLU A 5 21.94 -20.31 2.23
CA GLU A 5 22.38 -20.19 3.63
C GLU A 5 23.79 -19.64 3.65
N GLY A 6 24.08 -18.80 4.65
CA GLY A 6 25.45 -18.31 4.90
C GLY A 6 25.85 -17.04 4.17
N LYS A 7 24.84 -16.29 3.74
CA LYS A 7 25.00 -14.96 3.16
C LYS A 7 23.72 -14.16 3.43
N LEU A 8 23.76 -12.87 3.14
CA LEU A 8 22.57 -12.04 3.17
C LEU A 8 22.35 -11.33 1.85
N VAL A 9 21.13 -11.45 1.33
CA VAL A 9 20.65 -10.67 0.18
C VAL A 9 19.62 -9.70 0.71
N ILE A 10 19.81 -8.41 0.37
CA ILE A 10 18.93 -7.35 0.82
C ILE A 10 18.36 -6.62 -0.37
N TRP A 11 17.03 -6.36 -0.33
CA TRP A 11 16.34 -5.51 -1.31
C TRP A 11 15.92 -4.19 -0.69
N ILE A 12 16.22 -3.09 -1.39
CA ILE A 12 15.83 -1.75 -0.98
C ILE A 12 15.52 -0.96 -2.24
N ASN A 13 14.61 0.00 -2.15
CA ASN A 13 14.22 0.78 -3.33
C ASN A 13 15.39 1.63 -3.87
N GLY A 14 15.34 1.85 -5.18
CA GLY A 14 16.41 2.57 -5.85
C GLY A 14 16.51 4.06 -5.58
N ASP A 15 15.54 4.63 -4.88
CA ASP A 15 15.61 6.01 -4.39
C ASP A 15 16.27 6.18 -3.03
N LYS A 16 16.61 5.08 -2.36
CA LYS A 16 17.20 5.12 -1.03
CA LYS A 16 17.20 5.10 -1.02
C LYS A 16 18.72 4.94 -1.09
N GLY A 17 19.36 5.06 0.07
CA GLY A 17 20.82 5.04 0.16
C GLY A 17 21.41 3.63 0.12
N TYR A 18 21.25 2.96 -1.02
CA TYR A 18 21.70 1.57 -1.14
C TYR A 18 23.23 1.40 -1.15
N ASN A 19 23.96 2.42 -1.61
CA ASN A 19 25.44 2.38 -1.50
C ASN A 19 25.89 2.50 -0.06
N GLY A 20 25.22 3.36 0.72
CA GLY A 20 25.46 3.47 2.15
C GLY A 20 25.13 2.17 2.88
N LEU A 21 24.01 1.57 2.48
CA LEU A 21 23.63 0.27 3.04
C LEU A 21 24.65 -0.83 2.76
N ALA A 22 25.19 -0.84 1.54
CA ALA A 22 26.26 -1.76 1.19
C ALA A 22 27.54 -1.56 2.04
N GLU A 23 27.82 -0.30 2.41
CA GLU A 23 28.95 0.01 3.30
CA GLU A 23 28.96 -0.01 3.30
C GLU A 23 28.75 -0.67 4.66
N VAL A 24 27.52 -0.62 5.17
CA VAL A 24 27.18 -1.31 6.42
C VAL A 24 27.38 -2.83 6.21
N GLY A 25 26.95 -3.34 5.07
CA GLY A 25 27.17 -4.73 4.71
C GLY A 25 28.65 -5.13 4.71
N LYS A 26 29.51 -4.24 4.25
CA LYS A 26 30.97 -4.50 4.25
C LYS A 26 31.53 -4.56 5.65
N LYS A 27 31.02 -3.71 6.55
CA LYS A 27 31.40 -3.76 7.98
C LYS A 27 30.99 -5.09 8.61
N PHE A 28 29.80 -5.56 8.25
CA PHE A 28 29.30 -6.85 8.73
C PHE A 28 30.19 -7.98 8.26
N GLU A 29 30.53 -7.95 6.97
CA GLU A 29 31.46 -8.94 6.39
C GLU A 29 32.85 -8.93 7.05
N LYS A 30 33.37 -7.73 7.32
CA LYS A 30 34.67 -7.60 8.02
C LYS A 30 34.69 -8.34 9.38
N ASP A 31 33.61 -8.22 10.13
CA ASP A 31 33.48 -8.94 11.43
C ASP A 31 33.25 -10.44 11.29
N THR A 32 32.39 -10.82 10.36
CA THR A 32 31.79 -12.17 10.37
C THR A 32 32.21 -13.09 9.24
N GLY A 33 32.83 -12.54 8.20
CA GLY A 33 33.07 -13.24 6.95
C GLY A 33 31.85 -13.53 6.08
N ILE A 34 30.68 -12.96 6.43
CA ILE A 34 29.44 -13.21 5.72
C ILE A 34 29.26 -12.05 4.73
N LYS A 35 29.10 -12.40 3.46
CA LYS A 35 28.92 -11.44 2.40
C LYS A 35 27.47 -10.95 2.37
N VAL A 36 27.31 -9.64 2.20
CA VAL A 36 26.01 -8.96 2.13
C VAL A 36 25.90 -8.34 0.75
N THR A 37 24.84 -8.75 0.03
CA THR A 37 24.53 -8.26 -1.31
C THR A 37 23.28 -7.39 -1.24
N VAL A 38 23.43 -6.13 -1.63
CA VAL A 38 22.32 -5.17 -1.67
C VAL A 38 21.91 -5.02 -3.12
N GLU A 39 20.60 -5.20 -3.38
CA GLU A 39 20.02 -5.04 -4.68
C GLU A 39 18.86 -4.06 -4.59
N HIS A 40 18.58 -3.40 -5.72
CA HIS A 40 17.46 -2.46 -5.82
C HIS A 40 16.64 -2.74 -7.09
N PRO A 41 15.99 -3.91 -7.15
CA PRO A 41 15.20 -4.23 -8.34
C PRO A 41 14.04 -3.27 -8.56
N ASP A 42 13.64 -3.12 -9.81
CA ASP A 42 12.45 -2.35 -10.16
C ASP A 42 11.24 -3.08 -9.58
N LYS A 43 10.25 -2.32 -9.14
CA LYS A 43 8.97 -2.86 -8.66
C LYS A 43 9.18 -3.92 -7.56
N LEU A 44 10.12 -3.68 -6.65
CA LEU A 44 10.50 -4.73 -5.69
C LEU A 44 9.34 -5.05 -4.75
N GLU A 45 8.50 -4.06 -4.46
CA GLU A 45 7.35 -4.25 -3.58
C GLU A 45 6.26 -5.15 -4.18
N GLU A 46 6.23 -5.23 -5.51
CA GLU A 46 5.42 -6.23 -6.24
C GLU A 46 6.18 -7.55 -6.44
N LYS A 47 7.49 -7.50 -6.70
CA LYS A 47 8.30 -8.73 -6.88
CA LYS A 47 8.30 -8.73 -6.88
C LYS A 47 8.39 -9.54 -5.58
N PHE A 48 8.58 -8.87 -4.45
CA PHE A 48 8.78 -9.57 -3.18
C PHE A 48 7.68 -10.59 -2.86
N PRO A 49 6.39 -10.17 -2.87
CA PRO A 49 5.36 -11.16 -2.52
C PRO A 49 5.25 -12.33 -3.51
N GLN A 50 5.59 -12.09 -4.77
CA GLN A 50 5.61 -13.17 -5.77
C GLN A 50 6.72 -14.17 -5.48
N VAL A 51 7.95 -13.68 -5.33
CA VAL A 51 9.09 -14.59 -5.13
C VAL A 51 9.08 -15.24 -3.72
N ALA A 52 8.74 -14.47 -2.69
CA ALA A 52 8.72 -14.99 -1.32
C ALA A 52 7.66 -16.08 -1.14
N ALA A 53 6.55 -15.97 -1.87
CA ALA A 53 5.50 -17.04 -1.82
C ALA A 53 6.02 -18.42 -2.26
N THR A 54 7.06 -18.46 -3.10
CA THR A 54 7.72 -19.70 -3.56
C THR A 54 8.90 -20.14 -2.67
N GLY A 55 9.14 -19.42 -1.57
CA GLY A 55 10.30 -19.68 -0.72
C GLY A 55 11.60 -19.10 -1.22
N ASP A 56 11.51 -18.13 -2.12
CA ASP A 56 12.66 -17.47 -2.72
C ASP A 56 12.72 -15.99 -2.26
N GLY A 57 13.58 -15.20 -2.88
CA GLY A 57 13.69 -13.78 -2.62
C GLY A 57 14.83 -13.41 -1.71
N PRO A 58 14.87 -12.12 -1.30
CA PRO A 58 15.92 -11.65 -0.44
C PRO A 58 15.71 -12.14 1.00
N ASP A 59 16.78 -12.16 1.79
CA ASP A 59 16.70 -12.38 3.22
C ASP A 59 16.00 -11.24 3.93
N ILE A 60 16.28 -10.02 3.48
CA ILE A 60 15.77 -8.79 4.11
C ILE A 60 15.15 -7.93 3.03
N ILE A 61 13.94 -7.42 3.27
N ILE A 61 13.95 -7.41 3.30
CA ILE A 61 13.29 -6.48 2.37
CA ILE A 61 13.25 -6.50 2.41
C ILE A 61 13.03 -5.16 3.10
C ILE A 61 13.00 -5.15 3.11
N PHE A 62 13.40 -4.06 2.44
CA PHE A 62 13.13 -2.72 2.92
C PHE A 62 12.02 -2.10 2.11
N TRP A 63 11.01 -1.57 2.80
CA TRP A 63 9.96 -0.75 2.17
C TRP A 63 9.31 0.07 3.28
N ALA A 64 8.50 1.06 2.91
CA ALA A 64 7.62 1.67 3.89
C ALA A 64 6.69 0.61 4.51
N HIS A 65 6.31 0.86 5.75
CA HIS A 65 5.56 -0.09 6.55
C HIS A 65 4.21 -0.47 5.97
N ASP A 66 3.63 0.33 5.10
CA ASP A 66 2.27 0.08 4.63
C ASP A 66 2.11 -1.24 3.92
N ARG A 67 3.14 -1.74 3.24
CA ARG A 67 3.11 -3.00 2.48
CA ARG A 67 3.01 -3.01 2.49
C ARG A 67 3.24 -4.24 3.36
N PHE A 68 3.74 -4.05 4.57
CA PHE A 68 4.17 -5.19 5.40
CA PHE A 68 4.18 -5.19 5.38
C PHE A 68 3.04 -6.02 6.00
N GLY A 69 1.90 -5.42 6.28
CA GLY A 69 0.75 -6.20 6.80
C GLY A 69 0.28 -7.22 5.80
N GLY A 70 0.22 -6.85 4.53
CA GLY A 70 -0.10 -7.80 3.46
C GLY A 70 0.90 -8.92 3.38
N TYR A 71 2.19 -8.60 3.46
CA TYR A 71 3.23 -9.64 3.45
C TYR A 71 3.10 -10.59 4.66
N ALA A 72 2.85 -10.02 5.81
CA ALA A 72 2.71 -10.79 7.06
C ALA A 72 1.47 -11.68 6.98
N GLN A 73 0.36 -11.13 6.50
CA GLN A 73 -0.88 -11.92 6.34
C GLN A 73 -0.67 -13.11 5.41
N SER A 74 0.12 -12.93 4.35
CA SER A 74 0.52 -14.00 3.42
C SER A 74 1.58 -14.98 3.93
N GLY A 75 2.07 -14.78 5.14
CA GLY A 75 3.04 -15.67 5.78
C GLY A 75 4.46 -15.51 5.27
N LEU A 76 4.78 -14.30 4.78
CA LEU A 76 6.05 -14.07 4.08
C LEU A 76 7.11 -13.46 4.98
N LEU A 77 6.75 -13.07 6.21
CA LEU A 77 7.66 -12.40 7.14
C LEU A 77 7.84 -13.14 8.44
N ALA A 78 9.08 -13.17 8.91
CA ALA A 78 9.41 -13.71 10.20
C ALA A 78 8.98 -12.73 11.29
N GLU A 79 8.49 -13.24 12.41
CA GLU A 79 8.23 -12.40 13.59
C GLU A 79 9.58 -11.88 14.14
N ILE A 80 9.57 -10.60 14.54
CA ILE A 80 10.71 -9.84 15.07
C ILE A 80 10.54 -9.84 16.57
N THR A 81 11.58 -10.26 17.31
CA THR A 81 11.50 -10.33 18.80
C THR A 81 12.73 -9.73 19.50
N PRO A 82 12.96 -8.43 19.28
CA PRO A 82 14.09 -7.79 19.96
C PRO A 82 13.88 -7.72 21.45
N ASP A 83 14.98 -7.70 22.20
CA ASP A 83 14.89 -7.58 23.64
C ASP A 83 14.48 -6.16 24.04
N LYS A 84 14.10 -6.00 25.29
CA LYS A 84 13.68 -4.68 25.82
C LYS A 84 14.74 -3.62 25.58
N ALA A 85 16.01 -3.96 25.83
CA ALA A 85 17.11 -3.02 25.69
C ALA A 85 17.12 -2.45 24.28
N PHE A 86 16.98 -3.31 23.29
CA PHE A 86 16.94 -2.85 21.92
C PHE A 86 15.66 -2.09 21.59
N GLN A 87 14.51 -2.62 22.00
CA GLN A 87 13.23 -1.94 21.73
C GLN A 87 13.20 -0.50 22.26
N ASP A 88 13.76 -0.32 23.44
CA ASP A 88 13.76 0.97 24.09
C ASP A 88 14.65 2.02 23.40
N LYS A 89 15.51 1.59 22.47
CA LYS A 89 16.36 2.51 21.70
C LYS A 89 15.64 3.19 20.55
N LEU A 90 14.46 2.69 20.16
CA LEU A 90 13.66 3.25 19.08
C LEU A 90 12.38 3.85 19.61
N TYR A 91 11.83 4.87 18.93
CA TYR A 91 10.62 5.51 19.40
C TYR A 91 9.45 4.53 19.39
N PRO A 92 8.60 4.51 20.44
CA PRO A 92 7.47 3.56 20.44
C PRO A 92 6.53 3.65 19.24
N PHE A 93 6.28 4.86 18.73
CA PHE A 93 5.37 5.00 17.58
C PHE A 93 5.93 4.33 16.31
N THR A 94 7.24 4.18 16.22
CA THR A 94 7.84 3.50 15.07
C THR A 94 7.62 1.98 15.18
N TRP A 95 7.74 1.42 16.38
CA TRP A 95 7.36 0.02 16.58
C TRP A 95 5.87 -0.21 16.27
N ASP A 96 5.03 0.75 16.61
CA ASP A 96 3.59 0.63 16.33
C ASP A 96 3.30 0.46 14.83
N ALA A 97 4.10 1.15 14.00
CA ALA A 97 3.95 1.07 12.54
C ALA A 97 4.25 -0.31 11.95
N VAL A 98 5.03 -1.12 12.67
CA VAL A 98 5.46 -2.44 12.22
C VAL A 98 4.85 -3.57 13.07
N ARG A 99 3.77 -3.25 13.77
CA ARG A 99 3.02 -4.25 14.53
C ARG A 99 1.79 -4.67 13.70
N TYR A 100 1.58 -5.98 13.56
CA TYR A 100 0.46 -6.50 12.76
C TYR A 100 -0.11 -7.69 13.52
N ASN A 101 -1.41 -7.66 13.80
CA ASN A 101 -2.09 -8.72 14.58
C ASN A 101 -1.32 -9.02 15.89
N GLY A 102 -0.86 -7.93 16.53
CA GLY A 102 -0.14 -8.00 17.81
C GLY A 102 1.31 -8.43 17.83
N LYS A 103 1.89 -8.69 16.66
CA LYS A 103 3.26 -9.16 16.49
C LYS A 103 4.07 -8.11 15.72
N LEU A 104 5.33 -7.99 16.10
CA LEU A 104 6.26 -7.15 15.33
C LEU A 104 6.74 -7.93 14.11
N ILE A 105 6.61 -7.30 12.94
CA ILE A 105 6.86 -7.97 11.65
C ILE A 105 7.99 -7.33 10.85
N ALA A 106 8.65 -6.32 11.44
CA ALA A 106 9.78 -5.62 10.81
C ALA A 106 10.48 -4.76 11.83
N TYR A 107 11.69 -4.32 11.47
CA TYR A 107 12.41 -3.31 12.23
C TYR A 107 12.13 -1.94 11.60
N PRO A 108 11.69 -0.97 12.38
CA PRO A 108 11.54 0.39 11.85
C PRO A 108 12.88 1.07 11.72
N ILE A 109 13.02 1.84 10.64
CA ILE A 109 14.29 2.54 10.33
C ILE A 109 14.15 4.06 10.42
N ALA A 110 13.15 4.61 9.75
CA ALA A 110 13.03 6.07 9.65
C ALA A 110 11.64 6.51 9.22
N VAL A 111 11.26 7.72 9.61
CA VAL A 111 9.97 8.30 9.34
C VAL A 111 10.12 9.22 8.14
N GLU A 112 9.29 9.00 7.12
CA GLU A 112 9.27 9.73 5.88
C GLU A 112 7.96 10.50 5.74
N ALA A 113 8.04 11.77 5.39
CA ALA A 113 6.90 12.51 4.92
C ALA A 113 7.34 13.43 3.79
N LEU A 114 6.46 13.68 2.84
CA LEU A 114 6.67 14.66 1.78
C LEU A 114 6.64 16.06 2.35
N SER A 115 7.48 16.92 1.74
CA SER A 115 7.47 18.37 1.98
C SER A 115 7.45 19.12 0.66
N LEU A 116 7.15 20.42 0.77
CA LEU A 116 7.35 21.33 -0.35
C LEU A 116 8.83 21.75 -0.37
N ILE A 117 9.47 21.53 -1.51
CA ILE A 117 10.87 21.89 -1.73
C ILE A 117 10.83 23.06 -2.72
N TYR A 118 11.52 24.15 -2.40
CA TYR A 118 11.43 25.35 -3.24
C TYR A 118 12.81 25.97 -3.47
N ASN A 119 12.92 26.60 -4.63
CA ASN A 119 14.17 27.29 -5.03
C ASN A 119 14.09 28.74 -4.57
N LYS A 120 14.91 29.06 -3.57
CA LYS A 120 14.88 30.39 -2.94
C LYS A 120 15.31 31.52 -3.87
N ASP A 121 16.08 31.19 -4.92
CA ASP A 121 16.50 32.18 -5.91
C ASP A 121 15.39 32.53 -6.88
N LEU A 122 14.41 31.63 -7.04
CA LEU A 122 13.21 31.89 -7.85
C LEU A 122 12.04 32.40 -7.06
N LEU A 123 11.87 31.83 -5.88
CA LEU A 123 10.68 32.05 -5.02
CA LEU A 123 10.73 32.00 -5.04
C LEU A 123 11.18 32.23 -3.60
N PRO A 124 11.52 33.47 -3.22
CA PRO A 124 12.07 33.67 -1.90
C PRO A 124 11.14 33.23 -0.78
N ASN A 125 9.85 33.45 -0.99
CA ASN A 125 8.86 32.90 -0.05
C ASN A 125 7.93 31.94 -0.75
N PRO A 126 7.83 30.73 -0.19
CA PRO A 126 7.00 29.75 -0.86
C PRO A 126 5.52 30.11 -0.69
N PRO A 127 4.67 29.61 -1.59
CA PRO A 127 3.24 29.85 -1.43
C PRO A 127 2.68 29.08 -0.23
N LYS A 128 1.87 29.75 0.53
CA LYS A 128 1.15 29.12 1.64
C LYS A 128 -0.05 28.29 1.20
N THR A 129 -0.60 28.59 0.03
CA THR A 129 -1.82 27.94 -0.48
C THR A 129 -1.60 27.34 -1.86
N TRP A 130 -2.31 26.23 -2.13
CA TRP A 130 -2.38 25.68 -3.48
C TRP A 130 -3.03 26.70 -4.45
N GLU A 131 -4.02 27.43 -3.94
CA GLU A 131 -4.83 28.31 -4.78
C GLU A 131 -4.03 29.45 -5.43
N GLU A 132 -2.93 29.86 -4.81
CA GLU A 132 -2.11 30.93 -5.38
C GLU A 132 -1.11 30.40 -6.44
N ILE A 133 -0.97 29.09 -6.60
CA ILE A 133 0.00 28.52 -7.53
C ILE A 133 -0.24 28.89 -9.00
N PRO A 134 -1.50 28.89 -9.48
CA PRO A 134 -1.71 29.32 -10.87
C PRO A 134 -1.17 30.73 -11.17
N ALA A 135 -1.45 31.69 -10.29
CA ALA A 135 -0.95 33.06 -10.49
C ALA A 135 0.57 33.09 -10.45
N LEU A 136 1.17 32.36 -9.51
N LEU A 136 1.16 32.35 -9.51
CA LEU A 136 2.63 32.26 -9.44
CA LEU A 136 2.61 32.21 -9.42
C LEU A 136 3.24 31.64 -10.67
C LEU A 136 3.22 31.66 -10.68
N ASP A 137 2.60 30.61 -11.22
CA ASP A 137 3.06 30.01 -12.47
C ASP A 137 3.01 31.01 -13.63
N LYS A 138 1.96 31.81 -13.70
CA LYS A 138 1.87 32.86 -14.72
CA LYS A 138 1.86 32.87 -14.72
C LYS A 138 3.04 33.85 -14.60
N GLU A 139 3.34 34.24 -13.37
CA GLU A 139 4.44 35.16 -13.14
CA GLU A 139 4.48 35.15 -13.12
C GLU A 139 5.77 34.50 -13.57
N LEU A 140 5.97 33.25 -13.22
CA LEU A 140 7.19 32.52 -13.52
C LEU A 140 7.37 32.17 -14.99
N LYS A 141 6.27 31.88 -15.68
CA LYS A 141 6.30 31.59 -17.10
C LYS A 141 6.80 32.77 -17.90
N ALA A 142 6.47 33.98 -17.45
CA ALA A 142 6.99 35.18 -18.09
C ALA A 142 8.49 35.35 -17.93
N LYS A 143 9.09 34.64 -17.00
CA LYS A 143 10.57 34.56 -16.80
C LYS A 143 11.21 33.33 -17.39
N GLY A 144 10.46 32.52 -18.12
CA GLY A 144 11.01 31.27 -18.66
C GLY A 144 11.12 30.14 -17.66
N LYS A 145 10.29 30.19 -16.60
CA LYS A 145 10.30 29.21 -15.52
C LYS A 145 8.89 28.66 -15.34
N SER A 146 8.74 27.70 -14.46
CA SER A 146 7.44 27.23 -14.05
C SER A 146 7.39 27.18 -12.54
N ALA A 147 6.17 27.18 -12.01
CA ALA A 147 6.00 27.10 -10.55
C ALA A 147 6.33 25.77 -9.91
N LEU A 148 5.77 24.69 -10.45
CA LEU A 148 5.72 23.42 -9.72
C LEU A 148 5.79 22.21 -10.67
N MET A 149 6.66 21.27 -10.32
CA MET A 149 6.67 19.95 -10.95
C MET A 149 6.94 18.90 -9.93
N PHE A 150 6.10 17.85 -9.95
CA PHE A 150 6.26 16.70 -9.08
C PHE A 150 5.70 15.47 -9.77
N ASN A 151 6.03 14.32 -9.23
CA ASN A 151 5.66 13.03 -9.81
C ASN A 151 4.12 12.82 -9.80
N LEU A 152 3.52 12.81 -10.98
CA LEU A 152 2.09 12.57 -11.14
C LEU A 152 1.74 11.13 -11.46
N GLN A 153 2.72 10.24 -11.46
CA GLN A 153 2.53 8.83 -11.76
C GLN A 153 2.36 7.94 -10.57
N GLU A 154 2.69 8.45 -9.40
CA GLU A 154 2.53 7.73 -8.13
C GLU A 154 1.62 8.49 -7.21
N PRO A 155 0.52 7.85 -6.74
CA PRO A 155 -0.47 8.59 -5.95
C PRO A 155 0.01 9.10 -4.59
N TYR A 156 1.11 8.54 -4.09
CA TYR A 156 1.77 9.05 -2.90
C TYR A 156 1.95 10.57 -2.91
N PHE A 157 2.28 11.10 -4.08
CA PHE A 157 2.62 12.53 -4.21
C PHE A 157 1.39 13.44 -4.34
N THR A 158 0.28 12.89 -4.89
CA THR A 158 -0.96 13.63 -5.06
CA THR A 158 -0.97 13.63 -5.06
C THR A 158 -1.92 13.47 -3.88
N TRP A 159 -1.78 12.37 -3.14
CA TRP A 159 -2.58 12.14 -1.97
C TRP A 159 -2.68 13.31 -0.97
N PRO A 160 -1.57 14.03 -0.71
CA PRO A 160 -1.70 15.11 0.30
C PRO A 160 -2.79 16.14 -0.06
N LEU A 161 -2.91 16.43 -1.36
CA LEU A 161 -3.93 17.35 -1.88
C LEU A 161 -5.34 16.72 -1.87
N ILE A 162 -5.43 15.45 -2.27
CA ILE A 162 -6.72 14.70 -2.25
CA ILE A 162 -6.72 14.73 -2.25
C ILE A 162 -7.26 14.65 -0.83
N ALA A 163 -6.39 14.40 0.13
CA ALA A 163 -6.81 14.26 1.53
C ALA A 163 -7.17 15.59 2.20
N ALA A 164 -6.64 16.70 1.69
CA ALA A 164 -6.71 18.01 2.41
C ALA A 164 -8.13 18.43 2.82
N ASP A 165 -9.05 18.38 1.86
CA ASP A 165 -10.44 18.83 2.04
C ASP A 165 -11.40 17.70 2.41
N GLY A 166 -10.87 16.50 2.70
CA GLY A 166 -11.69 15.42 3.29
C GLY A 166 -11.57 14.05 2.67
N GLY A 167 -10.74 13.87 1.64
CA GLY A 167 -10.47 12.50 1.16
C GLY A 167 -9.80 11.68 2.25
N TYR A 168 -10.12 10.39 2.29
CA TYR A 168 -9.45 9.47 3.17
C TYR A 168 -9.45 8.07 2.58
N ALA A 169 -8.50 7.26 3.05
CA ALA A 169 -8.41 5.87 2.62
C ALA A 169 -9.41 5.03 3.44
N PHE A 170 -9.11 4.80 4.69
CA PHE A 170 -9.94 3.99 5.58
C PHE A 170 -10.16 4.88 6.79
N LYS A 171 -11.44 5.06 7.18
CA LYS A 171 -11.83 5.98 8.27
C LYS A 171 -11.22 5.51 9.59
N TYR A 172 -10.74 6.46 10.41
CA TYR A 172 -10.10 6.17 11.71
C TYR A 172 -10.77 6.97 12.84
N GLU A 173 -11.51 6.25 13.70
CA GLU A 173 -12.21 6.85 14.87
C GLU A 173 -12.19 5.90 16.08
N ASN A 174 -12.22 6.50 17.28
CA ASN A 174 -12.16 5.76 18.58
C ASN A 174 -10.94 4.82 18.73
N GLY A 175 -9.81 5.25 18.18
CA GLY A 175 -8.58 4.44 18.12
C GLY A 175 -8.63 3.18 17.25
N LYS A 176 -9.49 3.17 16.22
CA LYS A 176 -9.65 2.02 15.30
C LYS A 176 -10.06 2.40 13.86
N TYR A 177 -9.57 1.62 12.91
CA TYR A 177 -9.98 1.75 11.51
C TYR A 177 -11.31 1.08 11.31
N ASP A 178 -12.15 1.72 10.50
CA ASP A 178 -13.32 1.11 9.92
C ASP A 178 -12.93 0.86 8.46
N ILE A 179 -12.49 -0.37 8.19
CA ILE A 179 -12.05 -0.79 6.85
C ILE A 179 -13.21 -0.76 5.83
N LYS A 180 -14.45 -0.83 6.33
CA LYS A 180 -15.64 -0.66 5.50
C LYS A 180 -15.93 0.74 5.03
N ASP A 181 -15.30 1.74 5.67
CA ASP A 181 -15.58 3.15 5.43
C ASP A 181 -14.39 3.75 4.67
N VAL A 182 -14.58 3.85 3.35
CA VAL A 182 -13.54 4.32 2.42
C VAL A 182 -13.96 5.70 1.91
N GLY A 183 -12.96 6.60 1.79
CA GLY A 183 -13.24 8.03 1.56
C GLY A 183 -12.60 8.56 0.28
N VAL A 184 -12.58 7.74 -0.77
CA VAL A 184 -11.88 8.05 -2.03
C VAL A 184 -12.76 8.86 -2.97
N ASP A 185 -14.09 8.68 -2.93
CA ASP A 185 -14.99 9.40 -3.84
C ASP A 185 -15.95 10.40 -3.21
N ASN A 186 -15.55 10.98 -2.09
CA ASN A 186 -16.35 12.02 -1.40
C ASN A 186 -16.06 13.42 -2.00
N ALA A 187 -16.82 14.42 -1.55
CA ALA A 187 -16.67 15.80 -2.03
C ALA A 187 -15.24 16.34 -1.85
N GLY A 188 -14.62 15.98 -0.74
CA GLY A 188 -13.27 16.48 -0.44
C GLY A 188 -12.20 15.90 -1.37
N ALA A 189 -12.25 14.60 -1.62
CA ALA A 189 -11.37 13.94 -2.58
C ALA A 189 -11.55 14.51 -3.97
N LYS A 190 -12.80 14.69 -4.37
CA LYS A 190 -13.14 15.27 -5.66
C LYS A 190 -12.59 16.70 -5.82
N ALA A 191 -12.76 17.51 -4.77
CA ALA A 191 -12.25 18.89 -4.80
C ALA A 191 -10.73 18.94 -5.02
N GLY A 192 -10.02 18.08 -4.30
CA GLY A 192 -8.55 18.05 -4.44
C GLY A 192 -8.10 17.55 -5.80
N LEU A 193 -8.66 16.45 -6.26
CA LEU A 193 -8.28 15.91 -7.57
C LEU A 193 -8.70 16.86 -8.72
N THR A 194 -9.83 17.52 -8.58
CA THR A 194 -10.27 18.52 -9.55
C THR A 194 -9.26 19.69 -9.62
N PHE A 195 -8.77 20.11 -8.47
CA PHE A 195 -7.76 21.17 -8.45
C PHE A 195 -6.52 20.73 -9.25
N LEU A 196 -6.05 19.51 -9.01
CA LEU A 196 -4.93 18.95 -9.75
C LEU A 196 -5.19 18.91 -11.25
N VAL A 197 -6.36 18.39 -11.63
CA VAL A 197 -6.70 18.27 -13.05
C VAL A 197 -6.80 19.66 -13.70
N ASP A 198 -7.34 20.62 -12.98
CA ASP A 198 -7.39 22.00 -13.46
C ASP A 198 -5.99 22.63 -13.68
N LEU A 199 -5.04 22.31 -12.80
CA LEU A 199 -3.65 22.74 -13.00
C LEU A 199 -3.13 22.23 -14.34
N ILE A 200 -3.47 20.99 -14.66
CA ILE A 200 -3.06 20.36 -15.91
C ILE A 200 -3.77 21.00 -17.12
N LYS A 201 -5.09 21.13 -17.01
CA LYS A 201 -5.92 21.76 -18.06
CA LYS A 201 -5.93 21.74 -18.06
C LYS A 201 -5.42 23.14 -18.41
N ASN A 202 -5.02 23.88 -17.38
CA ASN A 202 -4.55 25.25 -17.51
C ASN A 202 -3.04 25.38 -17.80
N LYS A 203 -2.38 24.26 -18.09
CA LYS A 203 -0.98 24.15 -18.53
C LYS A 203 0.03 24.60 -17.48
N HIS A 204 -0.36 24.52 -16.21
CA HIS A 204 0.55 24.73 -15.07
C HIS A 204 1.34 23.47 -14.73
N MET A 205 0.78 22.32 -15.09
CA MET A 205 1.49 21.03 -14.97
C MET A 205 1.15 20.17 -16.18
N ASN A 206 1.92 19.11 -16.35
CA ASN A 206 1.82 18.16 -17.47
C ASN A 206 1.54 16.81 -16.88
N ALA A 207 0.48 16.15 -17.36
CA ALA A 207 0.09 14.80 -16.86
C ALA A 207 1.18 13.75 -16.98
N ASP A 208 2.13 13.92 -17.93
CA ASP A 208 3.22 12.97 -18.13
C ASP A 208 4.38 13.10 -17.18
N THR A 209 4.38 14.14 -16.34
CA THR A 209 5.50 14.33 -15.44
C THR A 209 5.64 13.19 -14.45
N ASP A 210 6.85 12.65 -14.36
CA ASP A 210 7.17 11.54 -13.47
C ASP A 210 8.29 11.95 -12.50
N TYR A 211 8.79 11.01 -11.73
CA TYR A 211 9.81 11.29 -10.74
C TYR A 211 11.06 11.92 -11.38
N SER A 212 11.58 11.25 -12.41
CA SER A 212 12.83 11.68 -13.04
CA SER A 212 12.82 11.67 -13.07
C SER A 212 12.69 13.05 -13.67
N ILE A 213 11.58 13.28 -14.37
CA ILE A 213 11.36 14.56 -15.06
C ILE A 213 11.28 15.71 -14.04
N ALA A 214 10.52 15.53 -12.96
CA ALA A 214 10.38 16.59 -11.96
C ALA A 214 11.70 16.87 -11.23
N GLU A 215 12.41 15.81 -10.92
CA GLU A 215 13.70 15.93 -10.25
C GLU A 215 14.69 16.72 -11.11
N ALA A 216 14.77 16.37 -12.39
CA ALA A 216 15.68 17.03 -13.32
C ALA A 216 15.33 18.50 -13.46
N ALA A 217 14.05 18.82 -13.61
CA ALA A 217 13.62 20.20 -13.78
C ALA A 217 13.94 21.05 -12.56
N PHE A 218 13.70 20.51 -11.37
CA PHE A 218 13.98 21.24 -10.13
C PHE A 218 15.49 21.45 -9.98
N ASN A 219 16.24 20.38 -10.16
CA ASN A 219 17.68 20.40 -9.91
C ASN A 219 18.43 21.23 -10.96
N LYS A 220 17.82 21.45 -12.14
CA LYS A 220 18.36 22.34 -13.21
C LYS A 220 17.88 23.79 -13.10
N GLY A 221 17.04 24.10 -12.12
CA GLY A 221 16.52 25.44 -11.93
C GLY A 221 15.45 25.90 -12.88
N GLU A 222 14.74 24.95 -13.51
CA GLU A 222 13.69 25.27 -14.47
C GLU A 222 12.35 25.47 -13.82
N THR A 223 12.11 24.76 -12.71
CA THR A 223 10.87 24.87 -11.95
C THR A 223 11.18 25.34 -10.53
N ALA A 224 10.31 26.16 -9.97
CA ALA A 224 10.58 26.78 -8.67
C ALA A 224 10.30 25.87 -7.48
N MET A 225 9.48 24.84 -7.66
CA MET A 225 9.04 23.96 -6.55
C MET A 225 8.90 22.54 -7.02
N THR A 226 9.07 21.66 -6.05
CA THR A 226 8.77 20.25 -6.24
C THR A 226 8.19 19.72 -4.90
N ILE A 227 7.71 18.48 -4.95
CA ILE A 227 7.17 17.80 -3.76
C ILE A 227 7.95 16.49 -3.70
N ASN A 228 8.64 16.26 -2.60
CA ASN A 228 9.46 15.07 -2.48
C ASN A 228 9.83 14.84 -1.04
N GLY A 229 10.44 13.68 -0.79
CA GLY A 229 10.84 13.27 0.53
C GLY A 229 12.34 13.46 0.78
N PRO A 230 12.79 13.11 1.98
CA PRO A 230 14.18 13.37 2.41
C PRO A 230 15.24 12.75 1.50
N TRP A 231 14.92 11.60 0.92
CA TRP A 231 15.84 10.89 0.02
C TRP A 231 16.30 11.75 -1.17
N ALA A 232 15.46 12.69 -1.56
CA ALA A 232 15.75 13.58 -2.70
C ALA A 232 16.79 14.66 -2.40
N TRP A 233 17.07 14.92 -1.13
CA TRP A 233 17.89 16.10 -0.78
C TRP A 233 19.31 15.98 -1.28
N SER A 234 19.87 14.76 -1.32
CA SER A 234 21.26 14.55 -1.81
CA SER A 234 21.26 14.55 -1.78
C SER A 234 21.47 15.08 -3.19
N ASN A 235 20.59 14.72 -4.10
CA ASN A 235 20.75 15.16 -5.52
C ASN A 235 20.53 16.67 -5.64
N ILE A 236 19.69 17.25 -4.79
CA ILE A 236 19.51 18.73 -4.78
C ILE A 236 20.78 19.39 -4.24
N ASP A 237 21.37 18.84 -3.19
CA ASP A 237 22.68 19.33 -2.68
C ASP A 237 23.72 19.34 -3.79
N THR A 238 23.81 18.26 -4.54
CA THR A 238 24.79 18.13 -5.63
C THR A 238 24.57 19.19 -6.72
N SER A 239 23.31 19.51 -6.98
CA SER A 239 22.92 20.50 -7.99
C SER A 239 23.29 21.94 -7.65
N LYS A 240 23.47 22.21 -6.36
CA LYS A 240 23.80 23.56 -5.84
C LYS A 240 22.64 24.55 -5.93
N VAL A 241 21.42 24.08 -6.16
CA VAL A 241 20.24 24.89 -6.06
C VAL A 241 20.14 25.38 -4.60
N ASN A 242 19.83 26.65 -4.46
CA ASN A 242 19.58 27.27 -3.17
C ASN A 242 18.14 26.94 -2.75
N TYR A 243 17.98 25.83 -2.04
CA TYR A 243 16.65 25.29 -1.76
C TYR A 243 16.26 25.42 -0.30
N GLY A 244 14.94 25.44 -0.10
CA GLY A 244 14.35 25.28 1.21
C GLY A 244 13.37 24.10 1.20
N VAL A 245 13.10 23.62 2.40
CA VAL A 245 12.13 22.55 2.65
C VAL A 245 11.12 23.12 3.64
N THR A 246 9.82 23.01 3.30
CA THR A 246 8.80 23.69 4.06
C THR A 246 7.48 22.93 4.09
N VAL A 247 6.56 23.49 4.86
CA VAL A 247 5.21 22.98 4.96
C VAL A 247 4.54 22.99 3.56
N LEU A 248 3.82 21.91 3.27
CA LEU A 248 3.04 21.84 2.05
C LEU A 248 1.96 22.93 2.04
N PRO A 249 1.57 23.40 0.82
CA PRO A 249 0.53 24.42 0.79
C PRO A 249 -0.81 23.91 1.34
N THR A 250 -1.62 24.82 1.85
CA THR A 250 -2.98 24.48 2.24
C THR A 250 -3.91 24.43 1.01
N PHE A 251 -5.04 23.72 1.17
CA PHE A 251 -6.09 23.67 0.16
C PHE A 251 -7.40 23.92 0.84
N LYS A 252 -8.15 24.89 0.34
CA LYS A 252 -9.38 25.33 0.97
C LYS A 252 -9.19 25.65 2.46
N GLY A 253 -8.02 26.21 2.77
CA GLY A 253 -7.64 26.62 4.11
C GLY A 253 -7.20 25.51 5.05
N GLN A 254 -7.09 24.28 4.53
CA GLN A 254 -6.78 23.12 5.33
C GLN A 254 -5.42 22.58 4.97
N PRO A 255 -4.68 22.02 5.94
CA PRO A 255 -3.37 21.49 5.56
C PRO A 255 -3.44 20.37 4.54
N SER A 256 -2.45 20.30 3.66
CA SER A 256 -2.20 19.09 2.91
C SER A 256 -1.77 17.99 3.90
N LYS A 257 -2.26 16.79 3.65
CA LYS A 257 -2.14 15.68 4.62
C LYS A 257 -1.37 14.52 3.99
N PRO A 258 -0.02 14.55 4.05
CA PRO A 258 0.74 13.45 3.47
C PRO A 258 0.51 12.14 4.23
N PHE A 259 0.55 11.03 3.50
CA PHE A 259 0.53 9.71 4.12
C PHE A 259 1.96 9.44 4.54
N VAL A 260 2.17 9.25 5.83
CA VAL A 260 3.48 9.13 6.48
C VAL A 260 3.92 7.67 6.46
N GLY A 261 5.13 7.43 5.99
CA GLY A 261 5.72 6.09 5.90
C GLY A 261 6.84 5.93 6.90
N VAL A 262 6.98 4.73 7.44
CA VAL A 262 8.11 4.32 8.24
C VAL A 262 8.88 3.32 7.42
N LEU A 263 10.02 3.72 6.88
CA LEU A 263 10.90 2.80 6.18
C LEU A 263 11.22 1.71 7.19
N SER A 264 11.02 0.46 6.78
CA SER A 264 11.11 -0.71 7.62
C SER A 264 11.86 -1.83 6.94
N ALA A 265 12.42 -2.73 7.75
CA ALA A 265 13.20 -3.88 7.27
C ALA A 265 12.58 -5.16 7.81
N GLY A 266 12.02 -5.97 6.91
CA GLY A 266 11.46 -7.27 7.25
C GLY A 266 12.39 -8.40 6.88
N ILE A 267 12.25 -9.50 7.60
CA ILE A 267 13.03 -10.70 7.36
C ILE A 267 12.10 -11.74 6.69
N ASN A 268 12.53 -12.24 5.55
CA ASN A 268 11.79 -13.25 4.78
C ASN A 268 11.59 -14.50 5.67
N ALA A 269 10.33 -14.93 5.78
CA ALA A 269 9.97 -16.14 6.52
C ALA A 269 10.72 -17.38 6.03
N ALA A 270 11.03 -17.41 4.73
CA ALA A 270 11.79 -18.53 4.13
C ALA A 270 13.32 -18.43 4.26
N SER A 271 13.84 -17.37 4.89
CA SER A 271 15.29 -17.21 5.02
C SER A 271 15.88 -18.25 5.99
N PRO A 272 16.99 -18.92 5.59
CA PRO A 272 17.74 -19.75 6.56
C PRO A 272 18.80 -18.95 7.33
N ASN A 273 18.76 -17.61 7.19
CA ASN A 273 19.76 -16.70 7.76
C ASN A 273 19.13 -15.71 8.71
N LYS A 274 18.07 -16.09 9.41
CA LYS A 274 17.32 -15.18 10.29
C LYS A 274 18.18 -14.60 11.42
N GLU A 275 19.04 -15.43 11.99
CA GLU A 275 19.92 -14.92 13.06
C GLU A 275 20.94 -13.91 12.52
N LEU A 276 21.50 -14.20 11.36
CA LEU A 276 22.43 -13.24 10.70
C LEU A 276 21.71 -11.95 10.40
N ALA A 277 20.49 -12.04 9.90
CA ALA A 277 19.68 -10.84 9.56
C ALA A 277 19.37 -9.98 10.76
N LYS A 278 18.98 -10.62 11.87
CA LYS A 278 18.74 -9.92 13.16
CA LYS A 278 18.73 -9.90 13.12
C LYS A 278 20.01 -9.20 13.63
N GLU A 279 21.12 -9.92 13.57
CA GLU A 279 22.40 -9.36 14.00
C GLU A 279 22.76 -8.14 13.15
N PHE A 280 22.63 -8.29 11.84
CA PHE A 280 22.90 -7.18 10.92
C PHE A 280 22.03 -5.95 11.24
N LEU A 281 20.72 -6.17 11.35
CA LEU A 281 19.80 -5.07 11.53
C LEU A 281 19.96 -4.39 12.89
N GLU A 282 20.08 -5.18 13.96
CA GLU A 282 20.13 -4.59 15.31
C GLU A 282 21.51 -4.02 15.64
N ASN A 283 22.57 -4.74 15.27
CA ASN A 283 23.93 -4.41 15.74
C ASN A 283 24.85 -3.75 14.74
N TYR A 284 24.38 -3.60 13.50
CA TYR A 284 25.12 -2.90 12.44
C TYR A 284 24.33 -1.75 11.91
N LEU A 285 23.13 -2.01 11.39
CA LEU A 285 22.35 -0.95 10.75
C LEU A 285 21.76 0.06 11.75
N LEU A 286 21.03 -0.44 12.75
CA LEU A 286 20.32 0.40 13.72
C LEU A 286 21.24 0.81 14.86
N THR A 287 22.31 1.50 14.44
CA THR A 287 23.30 2.11 15.29
C THR A 287 23.55 3.52 14.73
N ASP A 288 24.18 4.39 15.53
CA ASP A 288 24.50 5.72 15.03
C ASP A 288 25.35 5.67 13.75
N GLU A 289 26.38 4.82 13.74
N GLU A 289 26.37 4.83 13.74
CA GLU A 289 27.30 4.68 12.59
CA GLU A 289 27.28 4.70 12.60
C GLU A 289 26.64 4.06 11.37
C GLU A 289 26.63 4.07 11.37
N GLY A 290 25.76 3.08 11.59
CA GLY A 290 25.07 2.42 10.48
C GLY A 290 24.10 3.35 9.78
N LEU A 291 23.28 4.01 10.56
CA LEU A 291 22.32 4.98 10.01
C LEU A 291 23.01 6.16 9.38
N GLU A 292 24.11 6.62 9.97
CA GLU A 292 24.89 7.69 9.36
C GLU A 292 25.37 7.31 7.96
N ALA A 293 25.87 6.08 7.81
CA ALA A 293 26.36 5.62 6.49
C ALA A 293 25.27 5.67 5.43
N VAL A 294 24.06 5.23 5.81
CA VAL A 294 22.93 5.27 4.85
C VAL A 294 22.48 6.73 4.62
N ASN A 295 22.33 7.47 5.72
CA ASN A 295 21.88 8.88 5.66
C ASN A 295 22.78 9.80 4.82
N LYS A 296 24.08 9.55 4.88
CA LYS A 296 25.09 10.31 4.11
C LYS A 296 24.95 10.05 2.61
N ASP A 297 24.47 8.85 2.26
CA ASP A 297 24.18 8.50 0.87
C ASP A 297 22.90 9.20 0.41
N LYS A 298 21.77 8.84 1.03
CA LYS A 298 20.48 9.52 0.77
C LYS A 298 19.79 9.71 2.10
N PRO A 299 19.36 10.95 2.44
CA PRO A 299 18.80 11.14 3.78
C PRO A 299 17.58 10.25 4.04
N LEU A 300 17.52 9.73 5.26
CA LEU A 300 16.46 8.82 5.71
C LEU A 300 15.17 9.51 6.16
N GLY A 301 15.27 10.77 6.58
CA GLY A 301 14.22 11.45 7.33
C GLY A 301 14.51 11.45 8.82
N ALA A 302 13.45 11.30 9.60
CA ALA A 302 13.56 11.31 11.07
C ALA A 302 13.78 9.87 11.51
N VAL A 303 14.99 9.53 11.89
CA VAL A 303 15.30 8.12 12.14
C VAL A 303 14.62 7.60 13.41
N ALA A 304 14.39 6.27 13.41
CA ALA A 304 13.69 5.63 14.51
C ALA A 304 14.57 5.53 15.77
N LEU A 305 15.89 5.51 15.58
CA LEU A 305 16.88 5.36 16.65
C LEU A 305 17.02 6.69 17.35
N LYS A 306 16.61 6.73 18.61
CA LYS A 306 16.55 7.96 19.40
C LYS A 306 17.88 8.73 19.47
N SER A 307 18.97 8.02 19.69
CA SER A 307 20.28 8.65 19.85
C SER A 307 20.69 9.43 18.60
N TYR A 308 20.44 8.86 17.41
CA TYR A 308 20.83 9.48 16.16
C TYR A 308 19.83 10.55 15.75
N GLU A 309 18.55 10.32 16.02
CA GLU A 309 17.50 11.31 15.75
C GLU A 309 17.73 12.59 16.55
N GLU A 310 18.19 12.49 17.79
CA GLU A 310 18.59 13.66 18.59
C GLU A 310 19.58 14.61 17.85
N GLU A 311 20.53 14.03 17.11
CA GLU A 311 21.51 14.83 16.31
C GLU A 311 20.83 15.45 15.09
N LEU A 312 20.16 14.60 14.31
CA LEU A 312 19.47 15.00 13.07
C LEU A 312 18.31 16.00 13.25
N ALA A 313 17.65 15.98 14.41
CA ALA A 313 16.48 16.85 14.67
C ALA A 313 16.68 18.35 14.58
N LYS A 314 17.94 18.80 14.78
CA LYS A 314 18.31 20.22 14.64
C LYS A 314 18.28 20.77 13.20
N ASP A 315 18.25 19.88 12.23
CA ASP A 315 18.19 20.21 10.82
C ASP A 315 16.81 20.77 10.48
N PRO A 316 16.74 22.03 9.99
CA PRO A 316 15.43 22.59 9.61
C PRO A 316 14.65 21.78 8.57
N ARG A 317 15.37 21.04 7.72
CA ARG A 317 14.68 20.18 6.73
C ARG A 317 13.93 19.02 7.41
N ILE A 318 14.52 18.50 8.47
CA ILE A 318 13.90 17.43 9.25
CA ILE A 318 13.89 17.44 9.25
C ILE A 318 12.73 18.00 10.05
N ALA A 319 12.92 19.18 10.63
CA ALA A 319 11.81 19.85 11.31
C ALA A 319 10.62 20.03 10.37
N ALA A 320 10.88 20.44 9.12
CA ALA A 320 9.80 20.61 8.15
C ALA A 320 9.14 19.27 7.80
N THR A 321 9.98 18.24 7.66
CA THR A 321 9.50 16.88 7.42
C THR A 321 8.50 16.50 8.53
N MET A 322 8.91 16.72 9.77
CA MET A 322 8.05 16.39 10.90
C MET A 322 6.81 17.26 11.05
N GLU A 323 6.88 18.52 10.66
CA GLU A 323 5.70 19.36 10.60
C GLU A 323 4.66 18.81 9.62
N ASN A 324 5.12 18.46 8.42
CA ASN A 324 4.24 17.84 7.43
C ASN A 324 3.70 16.49 7.93
N ALA A 325 4.56 15.69 8.55
CA ALA A 325 4.13 14.42 9.14
C ALA A 325 3.00 14.61 10.17
N GLN A 326 3.15 15.59 11.06
N GLN A 326 3.11 15.63 11.03
CA GLN A 326 2.16 15.84 12.10
CA GLN A 326 2.11 15.88 12.08
C GLN A 326 0.80 16.28 11.50
C GLN A 326 0.77 16.29 11.49
N LYS A 327 0.83 16.95 10.34
CA LYS A 327 -0.38 17.35 9.62
C LYS A 327 -1.01 16.21 8.83
N GLY A 328 -0.22 15.19 8.53
CA GLY A 328 -0.67 14.02 7.80
C GLY A 328 -1.10 12.91 8.74
N GLU A 329 -1.09 11.70 8.20
CA GLU A 329 -1.52 10.51 8.92
C GLU A 329 -0.56 9.37 8.62
N ILE A 330 -0.19 8.63 9.65
CA ILE A 330 0.55 7.39 9.48
C ILE A 330 -0.25 6.42 8.61
N MET A 331 0.41 5.81 7.63
CA MET A 331 -0.30 4.88 6.76
C MET A 331 -0.77 3.68 7.57
N PRO A 332 -1.97 3.18 7.25
CA PRO A 332 -2.31 1.82 7.71
C PRO A 332 -1.34 0.79 7.15
N ASN A 333 -1.26 -0.36 7.82
CA ASN A 333 -0.53 -1.51 7.25
C ASN A 333 -1.45 -2.69 6.88
N ILE A 334 -2.73 -2.43 6.81
CA ILE A 334 -3.70 -3.51 6.58
C ILE A 334 -3.46 -4.09 5.16
N PRO A 335 -3.78 -5.37 4.95
CA PRO A 335 -3.49 -5.97 3.63
C PRO A 335 -4.12 -5.31 2.41
N GLN A 336 -5.23 -4.60 2.63
N GLN A 336 -5.23 -4.60 2.62
CA GLN A 336 -5.94 -3.87 1.58
CA GLN A 336 -5.93 -3.89 1.54
C GLN A 336 -5.23 -2.60 1.08
C GLN A 336 -5.23 -2.59 1.07
N MET A 337 -4.14 -2.19 1.73
CA MET A 337 -3.38 -1.00 1.27
C MET A 337 -2.91 -1.13 -0.18
N SER A 338 -2.41 -2.31 -0.58
CA SER A 338 -1.96 -2.53 -1.98
C SER A 338 -3.08 -2.22 -2.99
N ALA A 339 -4.27 -2.74 -2.68
CA ALA A 339 -5.41 -2.47 -3.56
C ALA A 339 -5.85 -1.01 -3.60
N PHE A 340 -5.86 -0.38 -2.42
CA PHE A 340 -6.12 1.07 -2.30
C PHE A 340 -5.16 1.86 -3.20
N TRP A 341 -3.87 1.58 -3.08
CA TRP A 341 -2.88 2.30 -3.88
C TRP A 341 -3.03 2.06 -5.36
N TYR A 342 -3.30 0.81 -5.75
CA TYR A 342 -3.53 0.52 -7.16
C TYR A 342 -4.73 1.28 -7.72
N ALA A 343 -5.80 1.29 -6.94
CA ALA A 343 -7.03 1.95 -7.36
C ALA A 343 -6.80 3.48 -7.53
N VAL A 344 -6.20 4.09 -6.53
CA VAL A 344 -5.93 5.54 -6.58
C VAL A 344 -4.89 5.91 -7.65
N ARG A 345 -3.89 5.07 -7.86
CA ARG A 345 -2.89 5.30 -8.91
C ARG A 345 -3.59 5.44 -10.25
N THR A 346 -4.44 4.45 -10.55
CA THR A 346 -5.18 4.45 -11.80
C THR A 346 -6.11 5.67 -11.91
N ALA A 347 -6.78 6.03 -10.81
CA ALA A 347 -7.70 7.16 -10.84
C ALA A 347 -6.95 8.46 -11.16
N VAL A 348 -5.82 8.70 -10.48
CA VAL A 348 -5.07 9.94 -10.70
C VAL A 348 -4.56 10.02 -12.15
N ILE A 349 -3.98 8.94 -12.63
CA ILE A 349 -3.45 8.90 -14.00
C ILE A 349 -4.57 9.14 -15.01
N ASN A 350 -5.70 8.42 -14.83
CA ASN A 350 -6.80 8.57 -15.78
C ASN A 350 -7.44 9.98 -15.76
N ALA A 351 -7.60 10.55 -14.57
CA ALA A 351 -8.14 11.91 -14.44
C ALA A 351 -7.18 12.95 -15.06
N ALA A 352 -5.89 12.78 -14.79
CA ALA A 352 -4.85 13.71 -15.28
C ALA A 352 -4.74 13.66 -16.81
N SER A 353 -4.92 12.48 -17.41
CA SER A 353 -4.78 12.31 -18.88
C SER A 353 -6.05 12.67 -19.65
N GLY A 354 -7.16 12.74 -18.93
CA GLY A 354 -8.48 12.95 -19.52
C GLY A 354 -9.18 11.68 -19.98
N ARG A 355 -8.59 10.51 -19.71
CA ARG A 355 -9.21 9.21 -20.03
C ARG A 355 -10.53 9.03 -19.27
N GLN A 356 -10.57 9.51 -18.03
CA GLN A 356 -11.81 9.59 -17.24
C GLN A 356 -11.99 10.98 -16.66
N THR A 357 -13.23 11.35 -16.36
CA THR A 357 -13.49 12.55 -15.56
C THR A 357 -13.08 12.28 -14.10
N VAL A 358 -12.98 13.31 -13.28
CA VAL A 358 -12.69 13.13 -11.87
C VAL A 358 -13.77 12.24 -11.19
N ASP A 359 -15.04 12.52 -11.50
CA ASP A 359 -16.15 11.71 -10.93
C ASP A 359 -16.02 10.24 -11.31
N GLU A 360 -15.77 9.97 -12.60
CA GLU A 360 -15.62 8.58 -13.09
C GLU A 360 -14.42 7.87 -12.43
N ALA A 361 -13.31 8.60 -12.38
CA ALA A 361 -12.07 8.04 -11.89
C ALA A 361 -12.15 7.66 -10.41
N LEU A 362 -12.71 8.55 -9.61
CA LEU A 362 -12.84 8.32 -8.19
C LEU A 362 -13.94 7.31 -7.84
N LYS A 363 -15.01 7.26 -8.64
CA LYS A 363 -16.01 6.17 -8.46
C LYS A 363 -15.34 4.81 -8.61
N ASP A 364 -14.55 4.63 -9.67
CA ASP A 364 -13.82 3.38 -9.89
C ASP A 364 -12.86 3.05 -8.76
N ALA A 365 -12.16 4.08 -8.29
CA ALA A 365 -11.19 3.88 -7.22
C ALA A 365 -11.89 3.45 -5.94
N GLN A 366 -13.06 4.05 -5.66
CA GLN A 366 -13.88 3.68 -4.49
C GLN A 366 -14.28 2.21 -4.59
N THR A 367 -14.81 1.84 -5.75
CA THR A 367 -15.19 0.42 -5.98
C THR A 367 -14.04 -0.54 -5.80
N GLY A 368 -12.89 -0.20 -6.37
CA GLY A 368 -11.69 -1.03 -6.25
C GLY A 368 -11.19 -1.16 -4.82
N SER A 369 -11.22 -0.04 -4.10
CA SER A 369 -10.79 -0.01 -2.71
C SER A 369 -11.71 -0.81 -1.77
N GLU A 370 -13.03 -0.77 -2.03
CA GLU A 370 -14.08 -1.48 -1.25
C GLU A 370 -14.21 -2.97 -1.62
N LEU A 371 -13.57 -3.41 -2.70
CA LEU A 371 -13.91 -4.67 -3.33
C LEU A 371 -13.67 -5.86 -2.43
N TYR A 372 -12.52 -5.96 -1.78
CA TYR A 372 -12.23 -7.12 -0.94
C TYR A 372 -13.25 -7.20 0.17
N ARG A 373 -13.45 -6.15 0.93
CA ARG A 373 -14.31 -6.22 2.12
C ARG A 373 -15.77 -6.48 1.73
N GLN A 374 -16.25 -5.88 0.66
CA GLN A 374 -17.62 -6.10 0.23
C GLN A 374 -17.80 -7.53 -0.23
N SER A 375 -16.85 -8.04 -0.99
CA SER A 375 -16.88 -9.41 -1.46
C SER A 375 -16.86 -10.38 -0.30
N LEU A 376 -16.03 -10.14 0.68
CA LEU A 376 -15.93 -11.01 1.85
C LEU A 376 -17.25 -10.99 2.61
N GLU A 377 -17.86 -9.83 2.78
CA GLU A 377 -19.12 -9.73 3.52
C GLU A 377 -20.16 -10.68 2.90
N ILE A 378 -20.28 -10.61 1.59
CA ILE A 378 -21.26 -11.41 0.84
C ILE A 378 -20.92 -12.90 0.91
N ILE A 379 -19.67 -13.25 0.62
CA ILE A 379 -19.27 -14.64 0.52
C ILE A 379 -19.27 -15.28 1.90
N SER A 380 -18.74 -14.63 2.93
CA SER A 380 -18.79 -15.15 4.29
C SER A 380 -20.23 -15.39 4.71
N ARG A 381 -21.09 -14.41 4.50
CA ARG A 381 -22.49 -14.57 4.93
C ARG A 381 -23.13 -15.74 4.21
N TYR A 382 -22.95 -15.89 2.93
CA TYR A 382 -23.56 -17.00 2.19
C TYR A 382 -23.05 -18.33 2.67
N LEU A 383 -21.74 -18.49 2.79
CA LEU A 383 -21.18 -19.77 3.25
C LEU A 383 -21.69 -20.15 4.62
N ARG A 384 -21.74 -19.19 5.54
CA ARG A 384 -22.13 -19.45 6.91
C ARG A 384 -23.62 -19.76 7.03
N GLU A 385 -24.47 -19.01 6.35
CA GLU A 385 -25.92 -19.28 6.42
C GLU A 385 -26.23 -20.61 5.72
N GLN A 386 -25.53 -20.95 4.67
CA GLN A 386 -25.68 -22.26 3.99
C GLN A 386 -25.31 -23.40 4.93
N ALA A 387 -24.22 -23.23 5.65
CA ALA A 387 -23.73 -24.27 6.52
C ALA A 387 -24.59 -24.50 7.74
N THR A 388 -25.13 -23.41 8.30
CA THR A 388 -25.87 -23.47 9.58
C THR A 388 -27.39 -23.50 9.44
N GLY A 389 -27.86 -23.08 8.28
CA GLY A 389 -29.28 -22.89 8.03
C GLY A 389 -29.90 -21.60 8.51
N ALA A 390 -29.13 -20.71 9.14
CA ALA A 390 -29.64 -19.49 9.73
C ALA A 390 -28.77 -18.31 9.25
N ALA A 391 -29.41 -17.19 8.94
CA ALA A 391 -28.74 -15.98 8.44
C ALA A 391 -28.09 -15.21 9.57
N ASP A 392 -27.19 -14.33 9.15
CA ASP A 392 -26.45 -13.45 10.04
C ASP A 392 -27.34 -12.24 10.28
N THR A 393 -27.63 -12.00 11.56
CA THR A 393 -28.47 -10.88 11.95
C THR A 393 -27.75 -9.51 12.00
N ALA A 394 -26.42 -9.51 11.87
CA ALA A 394 -25.61 -8.26 11.91
C ALA A 394 -26.00 -7.34 10.74
N PRO A 395 -26.05 -6.01 10.96
CA PRO A 395 -26.23 -5.05 9.85
C PRO A 395 -25.14 -5.16 8.76
N MET A 396 -25.51 -4.99 7.49
CA MET A 396 -24.53 -5.03 6.38
C MET A 396 -23.47 -3.91 6.44
N GLY A 397 -23.88 -2.76 6.97
CA GLY A 397 -23.00 -1.61 7.09
C GLY A 397 -22.93 -0.89 5.76
N ALA A 398 -21.73 -0.38 5.44
CA ALA A 398 -21.46 0.47 4.28
C ALA A 398 -21.75 -0.24 2.96
N SER A 399 -22.39 0.52 2.05
CA SER A 399 -22.92 -0.03 0.78
C SER A 399 -23.82 -1.25 1.02
N GLY A 400 -24.66 -1.14 2.03
CA GLY A 400 -25.42 -2.27 2.57
C GLY A 400 -26.52 -2.78 1.65
N ALA A 401 -27.12 -1.88 0.89
CA ALA A 401 -28.13 -2.24 -0.12
C ALA A 401 -27.52 -3.16 -1.16
N THR A 402 -26.33 -2.81 -1.64
CA THR A 402 -25.62 -3.64 -2.61
C THR A 402 -25.29 -5.03 -2.02
N SER A 403 -24.73 -5.05 -0.82
CA SER A 403 -24.42 -6.34 -0.14
C SER A 403 -25.66 -7.19 0.05
N ARG A 404 -26.72 -6.55 0.53
CA ARG A 404 -27.98 -7.28 0.75
C ARG A 404 -28.56 -7.83 -0.55
N LYS A 405 -28.60 -7.00 -1.59
CA LYS A 405 -29.14 -7.43 -2.89
C LYS A 405 -28.26 -8.51 -3.56
N ALA A 406 -26.96 -8.40 -3.36
CA ALA A 406 -26.03 -9.38 -3.91
C ALA A 406 -26.21 -10.71 -3.20
N LEU A 407 -26.36 -10.67 -1.89
CA LEU A 407 -26.63 -11.88 -1.13
C LEU A 407 -27.97 -12.53 -1.54
N GLU A 408 -29.01 -11.71 -1.73
N GLU A 408 -29.01 -11.71 -1.73
CA GLU A 408 -30.29 -12.21 -2.20
CA GLU A 408 -30.32 -12.19 -2.20
C GLU A 408 -30.19 -12.91 -3.56
C GLU A 408 -30.22 -12.87 -3.57
N THR A 409 -29.44 -12.29 -4.47
CA THR A 409 -29.20 -12.81 -5.80
C THR A 409 -28.42 -14.12 -5.73
N LEU A 410 -27.35 -14.10 -4.94
CA LEU A 410 -26.52 -15.26 -4.75
C LEU A 410 -27.31 -16.44 -4.17
N ARG A 411 -28.24 -16.16 -3.25
CA ARG A 411 -29.11 -17.20 -2.72
C ARG A 411 -29.87 -17.91 -3.85
N ARG A 412 -30.41 -17.13 -4.76
CA ARG A 412 -31.16 -17.69 -5.88
C ARG A 412 -30.29 -18.49 -6.84
N VAL A 413 -29.26 -17.85 -7.38
N VAL A 413 -29.27 -17.84 -7.38
CA VAL A 413 -28.46 -18.47 -8.43
CA VAL A 413 -28.47 -18.45 -8.43
C VAL A 413 -27.52 -19.55 -7.87
C VAL A 413 -27.53 -19.53 -7.87
N GLY A 414 -26.99 -19.29 -6.69
CA GLY A 414 -26.09 -20.24 -6.03
C GLY A 414 -26.77 -21.50 -5.54
N ASP A 415 -27.99 -21.36 -5.03
CA ASP A 415 -28.74 -22.56 -4.65
C ASP A 415 -29.04 -23.41 -5.89
N GLY A 416 -29.33 -22.75 -7.01
CA GLY A 416 -29.57 -23.44 -8.28
C GLY A 416 -28.36 -24.20 -8.78
N VAL A 417 -27.18 -23.54 -8.68
CA VAL A 417 -25.94 -24.21 -9.08
C VAL A 417 -25.68 -25.45 -8.20
N GLN A 418 -25.85 -25.29 -6.88
CA GLN A 418 -25.63 -26.44 -5.98
C GLN A 418 -26.57 -27.62 -6.24
N ARG A 419 -27.80 -27.30 -6.65
CA ARG A 419 -28.79 -28.34 -7.00
CA ARG A 419 -28.80 -28.33 -6.99
C ARG A 419 -28.40 -29.01 -8.32
N ASN A 420 -28.20 -28.21 -9.35
CA ASN A 420 -27.97 -28.75 -10.69
C ASN A 420 -26.64 -29.46 -10.81
N HIS A 421 -25.63 -28.96 -10.10
CA HIS A 421 -24.28 -29.51 -10.15
C HIS A 421 -23.90 -30.31 -8.88
N GLU A 422 -24.92 -30.87 -8.22
CA GLU A 422 -24.67 -31.63 -7.00
C GLU A 422 -23.72 -32.79 -7.27
N THR A 423 -23.88 -33.44 -8.42
CA THR A 423 -23.04 -34.62 -8.74
CA THR A 423 -23.04 -34.60 -8.81
C THR A 423 -21.56 -34.25 -8.81
N ALA A 424 -21.22 -33.19 -9.55
CA ALA A 424 -19.83 -32.77 -9.65
C ALA A 424 -19.31 -32.24 -8.30
N PHE A 425 -20.15 -31.50 -7.59
CA PHE A 425 -19.75 -30.96 -6.29
C PHE A 425 -19.48 -32.07 -5.29
N GLN A 426 -20.34 -33.08 -5.24
CA GLN A 426 -20.12 -34.22 -4.35
C GLN A 426 -18.85 -34.99 -4.71
N GLY A 427 -18.67 -35.22 -6.01
CA GLY A 427 -17.48 -35.94 -6.48
C GLY A 427 -16.17 -35.22 -6.16
N MET A 428 -16.17 -33.91 -6.38
CA MET A 428 -14.99 -33.12 -6.15
C MET A 428 -14.69 -32.95 -4.67
N LEU A 429 -15.76 -32.78 -3.86
CA LEU A 429 -15.62 -32.69 -2.42
C LEU A 429 -14.91 -33.94 -1.89
N ARG A 430 -15.39 -35.10 -2.32
CA ARG A 430 -14.76 -36.38 -1.92
C ARG A 430 -13.32 -36.52 -2.36
N LYS A 431 -13.03 -36.11 -3.60
CA LYS A 431 -11.66 -36.14 -4.14
C LYS A 431 -10.69 -35.23 -3.37
N LEU A 432 -11.16 -34.03 -3.02
CA LEU A 432 -10.32 -33.06 -2.30
C LEU A 432 -10.02 -33.45 -0.87
N ASP A 433 -10.94 -34.20 -0.25
CA ASP A 433 -10.78 -34.73 1.14
C ASP A 433 -10.37 -33.62 2.12
N ILE A 434 -11.24 -32.63 2.20
CA ILE A 434 -11.04 -31.45 3.03
C ILE A 434 -11.50 -31.79 4.46
N LYS A 435 -10.56 -31.85 5.40
CA LYS A 435 -10.83 -32.34 6.76
C LYS A 435 -10.64 -31.29 7.87
N ASN A 436 -9.93 -30.21 7.61
CA ASN A 436 -9.41 -29.32 8.68
C ASN A 436 -8.86 -28.04 8.07
N GLU A 437 -8.37 -27.13 8.94
CA GLU A 437 -7.91 -25.84 8.51
C GLU A 437 -6.66 -25.92 7.61
N ASP A 438 -5.75 -26.87 7.85
CA ASP A 438 -4.58 -27.07 6.96
C ASP A 438 -5.00 -27.41 5.50
N ASP A 439 -6.01 -28.27 5.38
CA ASP A 439 -6.56 -28.62 4.06
C ASP A 439 -7.22 -27.42 3.38
N VAL A 440 -7.93 -26.61 4.15
CA VAL A 440 -8.49 -25.36 3.63
C VAL A 440 -7.39 -24.43 3.13
N LYS A 441 -6.32 -24.26 3.91
CA LYS A 441 -5.20 -23.43 3.48
C LYS A 441 -4.57 -23.89 2.16
N SER A 442 -4.57 -25.20 1.94
CA SER A 442 -4.01 -25.80 0.71
C SER A 442 -4.83 -25.50 -0.57
N LEU A 443 -6.08 -25.05 -0.43
CA LEU A 443 -6.96 -24.81 -1.57
C LEU A 443 -6.58 -23.65 -2.45
N SER A 444 -6.00 -22.58 -1.90
CA SER A 444 -5.79 -21.33 -2.65
C SER A 444 -5.10 -21.57 -4.02
N ARG A 445 -3.98 -22.29 -4.02
CA ARG A 445 -3.21 -22.54 -5.27
C ARG A 445 -4.03 -23.24 -6.38
N VAL A 446 -4.74 -24.31 -6.02
CA VAL A 446 -5.58 -25.04 -7.01
C VAL A 446 -6.80 -24.21 -7.46
N MET A 447 -7.41 -23.47 -6.54
CA MET A 447 -8.53 -22.58 -6.88
C MET A 447 -8.10 -21.53 -7.90
N ILE A 448 -6.96 -20.91 -7.65
CA ILE A 448 -6.44 -19.89 -8.58
C ILE A 448 -6.22 -20.50 -9.95
N HIS A 449 -5.57 -21.66 -9.98
CA HIS A 449 -5.27 -22.35 -11.26
C HIS A 449 -6.54 -22.63 -12.07
N VAL A 450 -7.56 -23.17 -11.42
CA VAL A 450 -8.80 -23.52 -12.12
C VAL A 450 -9.58 -22.27 -12.54
N PHE A 451 -9.75 -21.36 -11.59
CA PHE A 451 -10.59 -20.20 -11.76
C PHE A 451 -10.00 -19.19 -12.74
N SER A 452 -8.67 -19.00 -12.73
CA SER A 452 -8.00 -18.01 -13.60
CA SER A 452 -8.01 -18.00 -13.59
C SER A 452 -7.87 -18.44 -15.07
N ASP A 453 -7.98 -19.74 -15.34
CA ASP A 453 -7.95 -20.30 -16.69
C ASP A 453 -9.32 -20.12 -17.33
N GLY A 454 -9.38 -19.78 -18.62
CA GLY A 454 -10.64 -19.68 -19.32
C GLY A 454 -11.35 -18.35 -19.21
N VAL A 455 -12.59 -18.37 -19.62
CA VAL A 455 -13.41 -17.16 -19.75
C VAL A 455 -13.76 -16.58 -18.35
N THR A 456 -14.03 -15.27 -18.35
CA THR A 456 -14.52 -14.57 -17.20
C THR A 456 -15.98 -14.21 -17.38
N ASN A 457 -16.77 -14.63 -16.38
CA ASN A 457 -18.19 -14.24 -16.31
C ASN A 457 -18.72 -14.44 -14.92
N TRP A 458 -19.91 -13.91 -14.69
CA TRP A 458 -20.55 -13.99 -13.40
C TRP A 458 -20.94 -15.45 -13.05
N GLY A 459 -21.25 -16.27 -14.06
CA GLY A 459 -21.62 -17.65 -13.78
C GLY A 459 -20.50 -18.43 -13.11
N ARG A 460 -19.27 -18.24 -13.57
CA ARG A 460 -18.13 -18.93 -12.98
C ARG A 460 -17.84 -18.44 -11.57
N ILE A 461 -18.06 -17.16 -11.35
CA ILE A 461 -17.97 -16.58 -9.99
C ILE A 461 -19.00 -17.27 -9.07
N VAL A 462 -20.23 -17.44 -9.56
CA VAL A 462 -21.23 -18.18 -8.79
C VAL A 462 -20.77 -19.60 -8.50
N THR A 463 -20.18 -20.28 -9.47
CA THR A 463 -19.70 -21.66 -9.23
C THR A 463 -18.64 -21.69 -8.14
N LEU A 464 -17.68 -20.74 -8.24
CA LEU A 464 -16.65 -20.63 -7.21
C LEU A 464 -17.24 -20.51 -5.80
N ILE A 465 -18.18 -19.59 -5.64
CA ILE A 465 -18.74 -19.30 -4.34
C ILE A 465 -19.68 -20.44 -3.87
N SER A 466 -20.46 -20.97 -4.81
CA SER A 466 -21.42 -22.06 -4.56
C SER A 466 -20.74 -23.33 -4.12
N PHE A 467 -19.62 -23.68 -4.76
CA PHE A 467 -18.84 -24.82 -4.25
C PHE A 467 -18.27 -24.51 -2.88
N GLY A 468 -17.89 -23.24 -2.63
CA GLY A 468 -17.52 -22.84 -1.29
C GLY A 468 -18.62 -23.15 -0.26
N ALA A 469 -19.85 -22.79 -0.59
CA ALA A 469 -20.97 -23.10 0.30
C ALA A 469 -21.16 -24.61 0.52
N PHE A 470 -20.98 -25.36 -0.56
CA PHE A 470 -21.08 -26.83 -0.53
C PHE A 470 -20.02 -27.41 0.44
N VAL A 471 -18.80 -26.91 0.33
CA VAL A 471 -17.72 -27.30 1.24
C VAL A 471 -18.00 -26.83 2.67
N ALA A 472 -18.50 -25.62 2.83
CA ALA A 472 -18.83 -25.11 4.16
C ALA A 472 -19.89 -25.97 4.88
N LYS A 473 -20.89 -26.43 4.11
CA LYS A 473 -21.91 -27.33 4.70
C LYS A 473 -21.26 -28.60 5.27
N HIS A 474 -20.32 -29.14 4.49
CA HIS A 474 -19.55 -30.33 4.91
C HIS A 474 -18.73 -30.04 6.17
N LEU A 475 -18.02 -28.90 6.14
CA LEU A 475 -17.20 -28.55 7.29
C LEU A 475 -18.01 -28.46 8.59
N LYS A 476 -19.19 -27.84 8.51
CA LYS A 476 -20.06 -27.75 9.68
CA LYS A 476 -20.08 -27.74 9.67
C LYS A 476 -20.47 -29.15 10.17
N THR A 477 -20.86 -30.02 9.23
CA THR A 477 -21.34 -31.37 9.58
CA THR A 477 -21.35 -31.35 9.63
C THR A 477 -20.29 -32.16 10.36
N ILE A 478 -19.02 -32.03 9.95
CA ILE A 478 -17.89 -32.76 10.60
C ILE A 478 -17.23 -32.01 11.77
N ASN A 479 -17.92 -30.99 12.32
CA ASN A 479 -17.48 -30.24 13.50
C ASN A 479 -16.20 -29.46 13.21
N GLN A 480 -16.13 -28.89 12.00
CA GLN A 480 -15.03 -28.01 11.58
C GLN A 480 -15.60 -26.65 11.17
N GLU A 481 -16.61 -26.18 11.90
CA GLU A 481 -17.22 -24.88 11.61
C GLU A 481 -16.21 -23.72 11.65
N SER A 482 -15.18 -23.84 12.50
CA SER A 482 -14.11 -22.83 12.57
C SER A 482 -13.31 -22.63 11.27
N CYS A 483 -13.41 -23.58 10.35
CA CYS A 483 -12.75 -23.49 9.05
C CYS A 483 -13.52 -22.67 8.02
N ILE A 484 -14.78 -22.32 8.30
CA ILE A 484 -15.61 -21.67 7.29
C ILE A 484 -15.14 -20.23 7.01
N GLU A 485 -14.87 -19.48 8.06
CA GLU A 485 -14.39 -18.07 7.80
C GLU A 485 -13.04 -18.05 7.05
N PRO A 486 -12.08 -18.91 7.42
CA PRO A 486 -10.83 -19.00 6.58
C PRO A 486 -11.08 -19.39 5.13
N LEU A 487 -12.05 -20.27 4.92
CA LEU A 487 -12.45 -20.67 3.58
C LEU A 487 -13.01 -19.47 2.81
N ALA A 488 -13.93 -18.74 3.45
CA ALA A 488 -14.50 -17.52 2.86
C ALA A 488 -13.42 -16.51 2.48
N GLU A 489 -12.47 -16.34 3.38
CA GLU A 489 -11.35 -15.41 3.14
C GLU A 489 -10.54 -15.84 1.93
N SER A 490 -10.24 -17.13 1.85
CA SER A 490 -9.46 -17.67 0.74
C SER A 490 -10.16 -17.51 -0.60
N ILE A 491 -11.44 -17.84 -0.62
CA ILE A 491 -12.24 -17.68 -1.84
C ILE A 491 -12.27 -16.20 -2.29
N THR A 492 -12.51 -15.33 -1.32
CA THR A 492 -12.56 -13.90 -1.60
C THR A 492 -11.24 -13.40 -2.21
N ASP A 493 -10.15 -13.83 -1.59
CA ASP A 493 -8.81 -13.48 -2.08
C ASP A 493 -8.64 -13.94 -3.52
N VAL A 494 -9.02 -15.17 -3.81
CA VAL A 494 -8.90 -15.69 -5.18
C VAL A 494 -9.71 -14.81 -6.14
N LEU A 495 -10.96 -14.56 -5.79
CA LEU A 495 -11.83 -13.79 -6.65
C LEU A 495 -11.25 -12.39 -6.96
N VAL A 496 -10.91 -11.67 -5.91
CA VAL A 496 -10.56 -10.26 -6.08
C VAL A 496 -9.17 -10.12 -6.71
N ARG A 497 -8.23 -11.02 -6.40
CA ARG A 497 -6.88 -10.95 -6.99
C ARG A 497 -6.91 -11.32 -8.47
N THR A 498 -7.72 -12.30 -8.84
CA THR A 498 -7.74 -12.76 -10.23
C THR A 498 -8.62 -11.91 -11.14
N LYS A 499 -9.68 -11.30 -10.62
CA LYS A 499 -10.68 -10.59 -11.43
C LYS A 499 -10.87 -9.10 -11.11
N ARG A 500 -9.91 -8.51 -10.37
CA ARG A 500 -10.01 -7.12 -9.92
C ARG A 500 -10.53 -6.17 -11.02
N ASP A 501 -9.79 -6.13 -12.13
CA ASP A 501 -10.09 -5.12 -13.16
C ASP A 501 -11.48 -5.35 -13.79
N TRP A 502 -11.80 -6.64 -14.01
CA TRP A 502 -13.11 -6.97 -14.59
C TRP A 502 -14.22 -6.60 -13.63
N LEU A 503 -14.03 -6.92 -12.34
CA LEU A 503 -15.03 -6.60 -11.32
C LEU A 503 -15.30 -5.10 -11.25
N VAL A 504 -14.23 -4.28 -11.28
CA VAL A 504 -14.44 -2.83 -11.25
C VAL A 504 -15.21 -2.34 -12.51
N LYS A 505 -14.87 -2.92 -13.64
CA LYS A 505 -15.55 -2.60 -14.93
C LYS A 505 -17.05 -2.94 -14.90
N GLN A 506 -17.44 -3.94 -14.09
CA GLN A 506 -18.89 -4.30 -13.89
C GLN A 506 -19.65 -3.48 -12.86
N ARG A 507 -18.99 -2.49 -12.25
CA ARG A 507 -19.53 -1.76 -11.09
C ARG A 507 -19.65 -2.72 -9.93
N GLY A 508 -18.66 -3.62 -9.85
CA GLY A 508 -18.58 -4.59 -8.78
C GLY A 508 -19.86 -5.41 -8.62
N TRP A 509 -20.27 -5.55 -7.36
CA TRP A 509 -21.44 -6.33 -7.03
C TRP A 509 -22.77 -5.75 -7.52
N ASP A 510 -22.81 -4.45 -7.86
CA ASP A 510 -23.99 -3.91 -8.52
C ASP A 510 -24.20 -4.55 -9.89
N GLY A 511 -23.11 -4.80 -10.61
CA GLY A 511 -23.16 -5.53 -11.88
C GLY A 511 -23.74 -6.92 -11.76
N PHE A 512 -23.34 -7.61 -10.71
CA PHE A 512 -23.84 -8.97 -10.42
C PHE A 512 -25.37 -8.98 -10.22
N VAL A 513 -25.84 -8.05 -9.41
CA VAL A 513 -27.28 -7.90 -9.14
C VAL A 513 -28.05 -7.62 -10.42
N GLU A 514 -27.53 -6.71 -11.22
CA GLU A 514 -28.15 -6.38 -12.52
C GLU A 514 -28.13 -7.53 -13.53
N PHE A 515 -26.98 -8.24 -13.60
CA PHE A 515 -26.81 -9.36 -14.53
C PHE A 515 -27.88 -10.46 -14.31
N PHE A 516 -28.15 -10.75 -13.03
CA PHE A 516 -29.12 -11.82 -12.65
C PHE A 516 -30.53 -11.32 -12.27
N HIS A 517 -30.82 -10.05 -12.55
CA HIS A 517 -32.11 -9.47 -12.29
C HIS A 517 -33.18 -10.21 -13.11
N VAL A 518 -34.22 -10.63 -12.39
CA VAL A 518 -35.36 -11.44 -12.93
C VAL A 518 -34.85 -12.78 -13.48
#